data_3BWB
#
_entry.id   3BWB
#
_cell.length_a   43.669
_cell.length_b   96.996
_cell.length_c   69.649
_cell.angle_alpha   90.00
_cell.angle_beta   106.33
_cell.angle_gamma   90.00
#
_symmetry.space_group_name_H-M   'P 1 21 1'
#
loop_
_entity.id
_entity.type
_entity.pdbx_description
1 polymer 'Spermidine synthase'
2 water water
#
_entity_poly.entity_id   1
_entity_poly.type   'polypeptide(L)'
_entity_poly.pdbx_seq_one_letter_code
;(MSE)AHHHHHH(MSE)PGSELISGGWFREENDQWPGQA(MSE)SLRVEKVLYDAPTKFQHLTIFESDPKGPWGTV
(MSE)ALDGCIQVTDYDEFVYHEVLGHTSLCSHPKPERVLIIGGGDGGVLREVLRHGTVEHCDLVDIDGEV(MSE)EQSK
QHFPQISRSLADPRATVRVGDGLAFVRQTPDNTYDVVIIDTTDPAGPASKLFGEAFYKDVLRILKPDGICCNQGESIWLD
LELIEK(MSE)SRFIRETGFASVQYAL(MSE)HVPTYPCGSIGTLVCSKKAGVDVTKPLRPVED(MSE)PFAKDLKYYDS
E(MSE)HKASFALPRFARHINNSE
;
_entity_poly.pdbx_strand_id   A,B
#
# COMPACT_ATOMS: atom_id res chain seq x y z
N SER A 12 21.63 24.25 3.98
CA SER A 12 22.66 24.01 5.02
C SER A 12 22.97 22.52 5.14
N GLU A 13 21.93 21.69 5.22
CA GLU A 13 22.10 20.25 5.39
C GLU A 13 22.46 19.58 4.06
N LEU A 14 21.52 19.58 3.11
CA LEU A 14 21.67 18.79 1.90
C LEU A 14 22.83 19.27 1.03
N ILE A 15 23.46 18.32 0.35
CA ILE A 15 24.64 18.56 -0.47
C ILE A 15 24.66 17.55 -1.62
N SER A 16 24.97 18.02 -2.83
CA SER A 16 25.05 17.15 -4.01
C SER A 16 25.93 15.95 -3.72
N GLY A 17 25.42 14.74 -3.96
CA GLY A 17 26.15 13.51 -3.66
C GLY A 17 25.87 12.95 -2.27
N GLY A 18 25.35 13.79 -1.37
CA GLY A 18 24.88 13.34 -0.07
C GLY A 18 23.47 12.77 -0.13
N TRP A 19 22.93 12.43 1.03
CA TRP A 19 21.63 11.79 1.15
C TRP A 19 20.68 12.63 2.00
N PHE A 20 19.44 12.77 1.52
CA PHE A 20 18.34 13.31 2.32
C PHE A 20 17.86 12.21 3.27
N ARG A 21 17.37 12.60 4.44
CA ARG A 21 16.90 11.65 5.46
C ARG A 21 15.59 12.12 6.07
N GLU A 22 14.51 11.37 5.84
CA GLU A 22 13.21 11.63 6.47
C GLU A 22 13.12 10.80 7.75
N GLU A 23 13.01 11.48 8.89
CA GLU A 23 13.05 10.81 10.18
C GLU A 23 11.68 10.74 10.83
N ASN A 24 11.05 11.91 10.98
CA ASN A 24 9.77 12.10 11.69
C ASN A 24 9.58 11.34 13.02
N ASP A 25 9.22 12.08 14.07
CA ASP A 25 9.04 11.52 15.41
C ASP A 25 7.72 10.74 15.57
N GLN A 26 6.83 10.85 14.58
CA GLN A 26 5.63 9.99 14.53
C GLN A 26 6.08 8.54 14.68
N TRP A 27 7.17 8.20 13.98
CA TRP A 27 7.82 6.89 14.09
C TRP A 27 9.10 6.99 14.92
N PRO A 28 9.05 6.54 16.19
CA PRO A 28 10.28 6.43 16.97
C PRO A 28 11.18 5.29 16.47
N GLY A 29 12.40 5.64 16.05
CA GLY A 29 13.40 4.64 15.66
C GLY A 29 13.27 4.13 14.23
N GLN A 30 12.81 5.00 13.33
CA GLN A 30 12.72 4.66 11.91
C GLN A 30 13.03 5.87 11.06
N ALA A 31 13.54 5.63 9.86
CA ALA A 31 13.89 6.70 8.92
C ALA A 31 14.07 6.16 7.52
N MSE A 32 13.79 6.98 6.53
CA MSE A 32 13.99 6.64 5.12
C MSE A 32 14.85 7.71 4.46
O MSE A 32 14.76 8.89 4.81
CB MSE A 32 12.65 6.53 4.42
CG MSE A 32 12.72 5.76 3.11
SE MSE A 32 11.28 6.26 1.90
CE MSE A 32 9.76 5.44 2.86
N SER A 33 15.67 7.30 3.48
CA SER A 33 16.65 8.20 2.87
CA SER A 33 16.66 8.19 2.87
C SER A 33 16.70 8.10 1.35
N LEU A 34 16.96 9.23 0.70
CA LEU A 34 17.12 9.32 -0.75
C LEU A 34 18.42 10.04 -1.10
N ARG A 35 19.16 9.51 -2.08
CA ARG A 35 20.41 10.14 -2.50
C ARG A 35 20.13 11.41 -3.29
N VAL A 36 20.76 12.51 -2.89
CA VAL A 36 20.58 13.81 -3.53
C VAL A 36 21.60 14.00 -4.65
N GLU A 37 21.11 14.38 -5.83
CA GLU A 37 21.97 14.69 -6.96
C GLU A 37 22.24 16.19 -7.00
N LYS A 38 21.17 16.99 -6.96
CA LYS A 38 21.26 18.43 -6.98
C LYS A 38 20.19 19.06 -6.11
N VAL A 39 20.61 19.97 -5.23
CA VAL A 39 19.68 20.73 -4.41
C VAL A 39 19.16 21.90 -5.21
N LEU A 40 17.84 22.00 -5.32
CA LEU A 40 17.20 23.13 -6.01
C LEU A 40 16.70 24.19 -5.02
N TYR A 41 16.35 23.77 -3.80
CA TYR A 41 15.88 24.68 -2.76
C TYR A 41 15.96 24.01 -1.40
N ASP A 42 16.43 24.75 -0.39
CA ASP A 42 16.55 24.22 0.96
C ASP A 42 16.61 25.37 1.95
N ALA A 43 15.46 25.71 2.54
CA ALA A 43 15.37 26.81 3.48
C ALA A 43 13.97 26.92 4.07
N PRO A 44 13.84 27.62 5.22
CA PRO A 44 12.52 27.85 5.81
C PRO A 44 11.73 28.84 4.97
N THR A 45 10.39 28.84 5.16
CA THR A 45 9.53 29.85 4.55
C THR A 45 8.87 30.66 5.68
N LYS A 46 7.78 31.35 5.37
CA LYS A 46 7.00 32.03 6.41
C LYS A 46 6.37 31.05 7.41
N PHE A 47 6.08 29.83 6.97
CA PHE A 47 5.31 28.88 7.78
C PHE A 47 5.91 27.49 8.00
N GLN A 48 6.93 27.12 7.22
CA GLN A 48 7.49 25.78 7.29
C GLN A 48 8.83 25.65 6.57
N HIS A 49 9.51 24.52 6.77
CA HIS A 49 10.77 24.28 6.06
C HIS A 49 10.56 23.58 4.71
N LEU A 50 10.86 24.31 3.63
CA LEU A 50 10.74 23.80 2.27
C LEU A 50 12.07 23.21 1.80
N THR A 51 12.02 22.03 1.18
CA THR A 51 13.22 21.42 0.63
C THR A 51 12.92 20.73 -0.69
N ILE A 52 13.46 21.29 -1.77
CA ILE A 52 13.34 20.71 -3.11
C ILE A 52 14.70 20.26 -3.61
N PHE A 53 14.76 19.08 -4.19
CA PHE A 53 16.00 18.58 -4.78
C PHE A 53 15.77 17.55 -5.88
N GLU A 54 16.77 17.38 -6.72
CA GLU A 54 16.75 16.33 -7.75
C GLU A 54 17.38 15.06 -7.16
N SER A 55 16.66 13.95 -7.26
CA SER A 55 17.12 12.67 -6.71
C SER A 55 18.07 11.96 -7.69
N ASP A 56 18.54 10.79 -7.29
CA ASP A 56 19.46 10.00 -8.12
C ASP A 56 18.84 9.73 -9.49
N PRO A 57 19.51 10.19 -10.57
CA PRO A 57 19.03 9.88 -11.94
C PRO A 57 18.88 8.38 -12.22
N LYS A 58 19.69 7.55 -11.57
CA LYS A 58 19.57 6.10 -11.66
C LYS A 58 18.26 5.62 -11.03
N GLY A 59 17.80 6.34 -10.00
CA GLY A 59 16.50 6.08 -9.38
C GLY A 59 15.37 6.76 -10.16
N PRO A 60 14.12 6.34 -9.90
CA PRO A 60 13.00 6.80 -10.71
C PRO A 60 12.21 7.99 -10.12
N TRP A 61 12.58 8.45 -8.92
CA TRP A 61 11.77 9.44 -8.20
C TRP A 61 11.81 10.85 -8.78
N GLY A 62 12.91 11.19 -9.47
CA GLY A 62 13.04 12.49 -10.12
C GLY A 62 13.17 13.60 -9.13
N THR A 63 12.46 14.71 -9.38
CA THR A 63 12.49 15.86 -8.50
C THR A 63 11.61 15.58 -7.28
N VAL A 64 12.16 15.79 -6.09
CA VAL A 64 11.50 15.49 -4.82
C VAL A 64 11.30 16.79 -4.03
N MSE A 65 10.16 16.91 -3.36
CA MSE A 65 9.91 18.03 -2.45
C MSE A 65 9.57 17.52 -1.05
O MSE A 65 8.77 16.59 -0.89
CB MSE A 65 8.77 18.89 -2.96
CG MSE A 65 8.53 20.14 -2.10
SE MSE A 65 6.98 21.19 -2.66
CE MSE A 65 7.56 21.72 -4.46
N ALA A 66 10.16 18.15 -0.04
CA ALA A 66 9.94 17.84 1.37
C ALA A 66 9.49 19.08 2.13
N LEU A 67 8.40 18.96 2.89
CA LEU A 67 7.98 20.03 3.78
C LEU A 67 8.14 19.58 5.23
N ASP A 68 8.86 20.36 6.02
CA ASP A 68 9.15 20.06 7.44
C ASP A 68 9.78 18.67 7.62
N GLY A 69 10.72 18.35 6.73
CA GLY A 69 11.42 17.07 6.75
C GLY A 69 10.58 15.86 6.41
N CYS A 70 9.51 16.07 5.63
CA CYS A 70 8.62 14.99 5.22
CA CYS A 70 8.61 14.99 5.22
C CYS A 70 8.34 15.12 3.73
N ILE A 71 8.63 14.07 2.97
CA ILE A 71 8.44 14.11 1.52
C ILE A 71 6.97 14.26 1.20
N GLN A 72 6.66 15.30 0.42
CA GLN A 72 5.29 15.63 0.02
C GLN A 72 5.00 15.20 -1.41
N VAL A 73 5.90 15.57 -2.31
CA VAL A 73 5.72 15.36 -3.73
C VAL A 73 7.00 14.81 -4.34
N THR A 74 6.87 13.80 -5.20
CA THR A 74 7.95 13.36 -6.06
C THR A 74 7.34 13.14 -7.43
N ASP A 75 8.11 13.38 -8.48
CA ASP A 75 7.63 13.20 -9.86
C ASP A 75 7.04 11.81 -10.12
N TYR A 76 7.59 10.78 -9.46
CA TYR A 76 7.25 9.40 -9.75
C TYR A 76 5.89 8.93 -9.21
N ASP A 77 5.59 9.19 -7.95
CA ASP A 77 4.33 8.69 -7.34
C ASP A 77 3.30 9.79 -7.03
N GLU A 78 3.63 11.02 -7.43
CA GLU A 78 2.78 12.18 -7.22
C GLU A 78 1.31 11.99 -7.63
N PHE A 79 1.08 11.27 -8.74
CA PHE A 79 -0.26 11.07 -9.27
C PHE A 79 -1.24 10.32 -8.34
N VAL A 80 -0.73 9.48 -7.44
CA VAL A 80 -1.61 8.63 -6.62
C VAL A 80 -2.46 9.47 -5.69
N TYR A 81 -1.79 10.28 -4.88
CA TYR A 81 -2.47 11.09 -3.87
C TYR A 81 -3.40 12.13 -4.50
N HIS A 82 -2.98 12.71 -5.62
CA HIS A 82 -3.77 13.72 -6.30
C HIS A 82 -5.02 13.16 -6.99
N GLU A 83 -4.90 11.97 -7.58
CA GLU A 83 -6.05 11.36 -8.25
C GLU A 83 -7.07 10.84 -7.24
N VAL A 84 -6.58 10.24 -6.16
CA VAL A 84 -7.48 9.65 -5.16
C VAL A 84 -8.32 10.73 -4.48
N LEU A 85 -7.68 11.82 -4.01
CA LEU A 85 -8.39 12.95 -3.45
C LEU A 85 -9.35 13.60 -4.47
N GLY A 86 -8.81 13.96 -5.63
CA GLY A 86 -9.59 14.65 -6.66
C GLY A 86 -10.81 13.85 -7.09
N HIS A 87 -10.60 12.59 -7.46
CA HIS A 87 -11.65 11.83 -8.14
C HIS A 87 -12.57 11.02 -7.23
N THR A 88 -12.05 10.49 -6.13
CA THR A 88 -12.90 9.72 -5.23
C THR A 88 -14.03 10.58 -4.68
N SER A 89 -13.73 11.84 -4.39
CA SER A 89 -14.72 12.78 -3.88
C SER A 89 -15.66 13.29 -4.97
N LEU A 90 -15.10 13.71 -6.11
CA LEU A 90 -15.93 14.24 -7.20
C LEU A 90 -16.81 13.18 -7.83
N CYS A 91 -16.29 11.97 -8.01
CA CYS A 91 -17.09 10.86 -8.56
C CYS A 91 -18.18 10.37 -7.60
N SER A 92 -18.08 10.76 -6.32
CA SER A 92 -19.10 10.45 -5.30
C SER A 92 -20.24 11.48 -5.25
N HIS A 93 -20.06 12.62 -5.91
CA HIS A 93 -21.08 13.68 -5.93
C HIS A 93 -21.94 13.57 -7.21
N PRO A 94 -23.26 13.78 -7.10
CA PRO A 94 -24.13 13.66 -8.28
C PRO A 94 -23.90 14.69 -9.40
N LYS A 95 -23.45 15.89 -9.06
CA LYS A 95 -23.11 16.94 -10.04
C LYS A 95 -22.31 18.07 -9.40
N PRO A 96 -20.98 17.90 -9.28
CA PRO A 96 -20.15 18.88 -8.59
C PRO A 96 -19.81 20.08 -9.46
N GLU A 97 -20.49 21.20 -9.22
CA GLU A 97 -20.30 22.43 -10.00
C GLU A 97 -19.28 23.37 -9.36
N ARG A 98 -19.33 23.51 -8.05
CA ARG A 98 -18.46 24.43 -7.32
C ARG A 98 -17.67 23.68 -6.24
N VAL A 99 -16.35 23.87 -6.26
CA VAL A 99 -15.41 23.12 -5.42
C VAL A 99 -14.47 24.06 -4.65
N LEU A 100 -14.14 23.68 -3.42
CA LEU A 100 -13.15 24.39 -2.60
C LEU A 100 -12.03 23.42 -2.22
N ILE A 101 -10.78 23.87 -2.33
CA ILE A 101 -9.62 23.10 -1.84
C ILE A 101 -8.88 23.93 -0.79
N ILE A 102 -8.85 23.43 0.45
CA ILE A 102 -8.05 24.05 1.49
C ILE A 102 -6.68 23.37 1.51
N GLY A 103 -5.62 24.17 1.32
CA GLY A 103 -4.29 23.65 1.01
C GLY A 103 -4.15 23.47 -0.48
N GLY A 104 -3.48 22.40 -0.90
CA GLY A 104 -3.32 22.09 -2.33
C GLY A 104 -2.53 23.14 -3.07
N GLY A 105 -1.50 23.67 -2.43
CA GLY A 105 -0.69 24.76 -2.98
C GLY A 105 0.09 24.38 -4.23
N ASP A 106 0.53 23.13 -4.31
CA ASP A 106 1.28 22.65 -5.47
C ASP A 106 0.40 22.49 -6.72
N GLY A 107 -0.92 22.49 -6.54
CA GLY A 107 -1.87 22.45 -7.66
C GLY A 107 -2.21 21.06 -8.18
N GLY A 108 -1.72 20.03 -7.48
CA GLY A 108 -1.91 18.65 -7.89
C GLY A 108 -3.35 18.17 -7.78
N VAL A 109 -4.01 18.46 -6.66
CA VAL A 109 -5.43 18.13 -6.50
C VAL A 109 -6.31 19.02 -7.39
N LEU A 110 -5.89 20.27 -7.60
CA LEU A 110 -6.59 21.20 -8.49
C LEU A 110 -6.58 20.69 -9.92
N ARG A 111 -5.43 20.18 -10.36
CA ARG A 111 -5.28 19.63 -11.71
CA ARG A 111 -5.28 19.63 -11.71
C ARG A 111 -6.29 18.52 -11.97
N GLU A 112 -6.50 17.67 -10.96
CA GLU A 112 -7.41 16.54 -11.11
C GLU A 112 -8.88 16.97 -11.01
N VAL A 113 -9.20 17.91 -10.13
CA VAL A 113 -10.58 18.40 -10.05
C VAL A 113 -10.99 19.05 -11.37
N LEU A 114 -10.06 19.77 -12.00
CA LEU A 114 -10.34 20.50 -13.24
C LEU A 114 -10.53 19.62 -14.48
N ARG A 115 -10.20 18.33 -14.38
CA ARG A 115 -10.52 17.40 -15.44
C ARG A 115 -12.02 17.21 -15.62
N HIS A 116 -12.78 17.39 -14.55
CA HIS A 116 -14.23 17.15 -14.58
C HIS A 116 -14.96 18.27 -15.33
N GLY A 117 -15.76 17.89 -16.31
CA GLY A 117 -16.52 18.85 -17.12
C GLY A 117 -17.59 19.59 -16.34
N THR A 118 -18.11 18.96 -15.28
CA THR A 118 -19.16 19.54 -14.46
C THR A 118 -18.68 20.74 -13.62
N VAL A 119 -17.39 20.76 -13.31
CA VAL A 119 -16.81 21.80 -12.45
C VAL A 119 -16.83 23.14 -13.19
N GLU A 120 -17.68 24.05 -12.73
CA GLU A 120 -17.79 25.39 -13.32
C GLU A 120 -16.73 26.34 -12.73
N HIS A 121 -16.46 26.18 -11.43
CA HIS A 121 -15.43 26.98 -10.75
C HIS A 121 -14.85 26.21 -9.56
N CYS A 122 -13.59 26.49 -9.24
CA CYS A 122 -12.92 25.90 -8.08
C CYS A 122 -12.11 26.95 -7.35
N ASP A 123 -12.37 27.12 -6.05
CA ASP A 123 -11.58 28.02 -5.21
C ASP A 123 -10.50 27.23 -4.47
N LEU A 124 -9.29 27.79 -4.41
CA LEU A 124 -8.18 27.16 -3.69
C LEU A 124 -7.51 28.14 -2.73
N VAL A 125 -7.42 27.74 -1.47
CA VAL A 125 -6.86 28.57 -0.40
C VAL A 125 -5.75 27.83 0.33
N ASP A 126 -4.51 28.24 0.11
CA ASP A 126 -3.38 27.72 0.86
C ASP A 126 -2.65 28.87 1.50
N ILE A 127 -2.01 28.62 2.64
CA ILE A 127 -1.39 29.69 3.42
C ILE A 127 0.03 30.04 2.95
N ASP A 128 0.77 29.04 2.46
CA ASP A 128 2.17 29.25 2.08
C ASP A 128 2.32 29.56 0.59
N GLY A 129 2.65 30.80 0.29
CA GLY A 129 2.83 31.26 -1.09
C GLY A 129 4.16 30.87 -1.71
N GLU A 130 5.17 30.64 -0.87
CA GLU A 130 6.50 30.28 -1.37
C GLU A 130 6.53 28.84 -1.87
N VAL A 131 5.76 27.95 -1.24
CA VAL A 131 5.63 26.58 -1.73
C VAL A 131 5.02 26.54 -3.14
N MSE A 132 4.01 27.37 -3.37
CA MSE A 132 3.37 27.53 -4.68
C MSE A 132 4.33 28.02 -5.75
O MSE A 132 4.27 27.58 -6.89
CB MSE A 132 2.26 28.59 -4.62
CG MSE A 132 0.85 28.12 -4.51
SE MSE A 132 -0.34 29.66 -4.33
CE MSE A 132 -0.04 30.50 -6.08
N GLU A 133 5.16 28.99 -5.38
CA GLU A 133 6.12 29.56 -6.31
C GLU A 133 7.19 28.54 -6.68
N GLN A 134 7.62 27.74 -5.73
CA GLN A 134 8.62 26.71 -6.00
C GLN A 134 8.03 25.53 -6.78
N SER A 135 6.75 25.26 -6.57
CA SER A 135 6.04 24.26 -7.38
C SER A 135 5.93 24.75 -8.82
N LYS A 136 5.58 26.03 -8.99
CA LYS A 136 5.52 26.65 -10.33
C LYS A 136 6.84 26.51 -11.09
N GLN A 137 7.95 26.56 -10.36
CA GLN A 137 9.26 26.48 -11.01
C GLN A 137 9.70 25.03 -11.26
N HIS A 138 9.62 24.17 -10.25
CA HIS A 138 10.23 22.82 -10.34
C HIS A 138 9.25 21.68 -10.59
N PHE A 139 7.95 21.94 -10.42
CA PHE A 139 6.94 20.94 -10.75
C PHE A 139 5.86 21.53 -11.68
N PRO A 140 6.25 21.91 -12.91
CA PRO A 140 5.28 22.52 -13.81
C PRO A 140 4.11 21.61 -14.17
N GLN A 141 4.38 20.31 -14.30
CA GLN A 141 3.32 19.34 -14.65
C GLN A 141 2.25 19.23 -13.57
N ILE A 142 2.63 19.54 -12.34
CA ILE A 142 1.70 19.55 -11.21
C ILE A 142 1.00 20.91 -11.08
N SER A 143 1.76 21.99 -11.19
CA SER A 143 1.24 23.34 -10.87
C SER A 143 0.65 24.09 -12.06
N ARG A 144 0.58 23.44 -13.23
CA ARG A 144 0.01 24.05 -14.44
CA ARG A 144 0.01 24.05 -14.44
C ARG A 144 -1.39 24.60 -14.20
N SER A 145 -2.18 23.90 -13.39
CA SER A 145 -3.59 24.22 -13.19
C SER A 145 -3.88 25.42 -12.29
N LEU A 146 -2.86 25.94 -11.62
CA LEU A 146 -3.01 27.15 -10.82
C LEU A 146 -3.40 28.36 -11.69
N ALA A 147 -3.07 28.31 -12.97
CA ALA A 147 -3.37 29.38 -13.91
C ALA A 147 -4.65 29.16 -14.73
N ASP A 148 -5.41 28.12 -14.43
CA ASP A 148 -6.63 27.80 -15.17
C ASP A 148 -7.72 28.86 -14.92
N PRO A 149 -8.42 29.30 -15.99
CA PRO A 149 -9.48 30.31 -15.83
C PRO A 149 -10.61 29.95 -14.85
N ARG A 150 -10.87 28.66 -14.65
CA ARG A 150 -11.88 28.20 -13.69
C ARG A 150 -11.37 28.11 -12.25
N ALA A 151 -10.07 28.33 -12.05
CA ALA A 151 -9.50 28.29 -10.70
C ALA A 151 -9.19 29.70 -10.19
N THR A 152 -9.70 30.04 -9.01
CA THR A 152 -9.30 31.25 -8.29
C THR A 152 -8.40 30.84 -7.13
N VAL A 153 -7.09 31.10 -7.26
CA VAL A 153 -6.13 30.72 -6.24
C VAL A 153 -5.92 31.87 -5.27
N ARG A 154 -5.98 31.56 -3.98
CA ARG A 154 -5.80 32.53 -2.93
C ARG A 154 -4.70 32.09 -1.98
N VAL A 155 -3.84 33.04 -1.60
CA VAL A 155 -2.89 32.83 -0.51
C VAL A 155 -3.46 33.51 0.73
N GLY A 156 -3.77 32.72 1.75
CA GLY A 156 -4.32 33.25 3.00
C GLY A 156 -4.82 32.16 3.93
N ASP A 157 -5.47 32.58 5.02
CA ASP A 157 -5.95 31.66 6.06
C ASP A 157 -7.23 30.95 5.64
N GLY A 158 -7.20 29.62 5.67
CA GLY A 158 -8.37 28.80 5.33
C GLY A 158 -9.49 28.88 6.36
N LEU A 159 -9.11 29.09 7.63
CA LEU A 159 -10.11 29.25 8.70
C LEU A 159 -10.92 30.55 8.50
N ALA A 160 -10.23 31.64 8.22
CA ALA A 160 -10.90 32.91 7.97
C ALA A 160 -11.78 32.83 6.73
N PHE A 161 -11.32 32.11 5.71
CA PHE A 161 -12.06 31.99 4.45
C PHE A 161 -13.39 31.27 4.63
N VAL A 162 -13.33 30.08 5.23
CA VAL A 162 -14.53 29.25 5.37
C VAL A 162 -15.56 29.87 6.32
N ARG A 163 -15.08 30.61 7.31
CA ARG A 163 -15.97 31.31 8.25
C ARG A 163 -16.71 32.47 7.59
N GLN A 164 -16.07 33.11 6.61
CA GLN A 164 -16.68 34.21 5.85
C GLN A 164 -17.41 33.73 4.58
N THR A 165 -17.44 32.43 4.33
CA THR A 165 -18.14 31.88 3.18
C THR A 165 -19.58 31.60 3.58
N PRO A 166 -20.56 32.09 2.79
CA PRO A 166 -21.96 31.79 3.11
C PRO A 166 -22.35 30.30 3.01
N ASP A 167 -23.54 29.98 3.49
CA ASP A 167 -23.99 28.58 3.52
C ASP A 167 -24.18 28.04 2.11
N ASN A 168 -24.22 26.72 1.99
CA ASN A 168 -24.54 26.03 0.75
C ASN A 168 -23.91 26.64 -0.50
N THR A 169 -22.62 26.96 -0.36
CA THR A 169 -21.83 27.52 -1.45
C THR A 169 -21.14 26.43 -2.29
N TYR A 170 -20.62 25.40 -1.62
CA TYR A 170 -19.80 24.37 -2.29
C TYR A 170 -20.47 23.01 -2.41
N ASP A 171 -20.14 22.31 -3.51
CA ASP A 171 -20.56 20.92 -3.71
C ASP A 171 -19.56 19.95 -3.13
N VAL A 172 -18.28 20.28 -3.30
CA VAL A 172 -17.18 19.49 -2.73
C VAL A 172 -16.18 20.41 -2.03
N VAL A 173 -15.69 19.95 -0.88
CA VAL A 173 -14.63 20.65 -0.15
C VAL A 173 -13.52 19.66 0.15
N ILE A 174 -12.36 19.86 -0.46
CA ILE A 174 -11.20 18.99 -0.27
C ILE A 174 -10.21 19.67 0.67
N ILE A 175 -9.98 19.05 1.83
CA ILE A 175 -9.00 19.54 2.80
C ILE A 175 -7.68 18.78 2.66
N ASP A 176 -6.75 19.35 1.89
CA ASP A 176 -5.43 18.73 1.66
C ASP A 176 -4.42 19.34 2.63
N THR A 177 -4.61 19.05 3.91
CA THR A 177 -3.74 19.55 4.97
C THR A 177 -4.07 18.92 6.31
N THR A 178 -3.05 18.77 7.16
CA THR A 178 -3.23 18.24 8.51
C THR A 178 -3.14 19.35 9.56
N ASP A 179 -3.14 20.62 9.12
CA ASP A 179 -3.25 21.80 10.01
C ASP A 179 -2.46 23.07 9.73
N PRO A 180 -1.24 22.97 9.13
CA PRO A 180 -0.57 24.27 9.04
C PRO A 180 -1.20 25.14 7.95
N ALA A 184 -8.32 13.94 16.49
CA ALA A 184 -7.40 14.87 17.17
C ALA A 184 -7.65 16.30 16.71
N SER A 185 -8.91 16.73 16.81
CA SER A 185 -9.28 18.09 16.41
C SER A 185 -8.70 19.11 17.39
N LYS A 186 -7.45 19.48 17.15
CA LYS A 186 -6.68 20.31 18.09
C LYS A 186 -6.35 21.67 17.46
N LEU A 187 -6.67 22.74 18.19
CA LEU A 187 -6.21 24.11 17.92
C LEU A 187 -7.24 24.91 17.12
N PHE A 188 -8.01 24.22 16.28
CA PHE A 188 -8.93 24.88 15.37
C PHE A 188 -9.91 23.98 14.62
N GLY A 189 -10.23 22.80 15.15
CA GLY A 189 -11.05 21.84 14.43
C GLY A 189 -12.53 22.11 14.59
N GLU A 190 -12.96 22.27 15.84
CA GLU A 190 -14.38 22.43 16.17
C GLU A 190 -15.08 23.48 15.31
N ALA A 191 -14.58 24.71 15.35
CA ALA A 191 -15.15 25.79 14.55
C ALA A 191 -15.00 25.54 13.05
N PHE A 192 -13.85 25.02 12.65
CA PHE A 192 -13.53 24.83 11.23
C PHE A 192 -14.42 23.79 10.55
N TYR A 193 -14.59 22.64 11.19
CA TYR A 193 -15.40 21.55 10.61
C TYR A 193 -16.90 21.86 10.63
N LYS A 194 -17.33 22.68 11.59
CA LYS A 194 -18.68 23.22 11.58
C LYS A 194 -18.87 24.15 10.39
N ASP A 195 -17.89 25.02 10.15
CA ASP A 195 -17.90 25.91 8.97
C ASP A 195 -17.97 25.08 7.68
N VAL A 196 -17.12 24.07 7.57
CA VAL A 196 -17.05 23.21 6.40
C VAL A 196 -18.39 22.53 6.10
N LEU A 197 -19.04 22.06 7.16
CA LEU A 197 -20.36 21.42 7.04
C LEU A 197 -21.42 22.40 6.52
N ARG A 198 -21.41 23.63 7.02
CA ARG A 198 -22.44 24.60 6.63
C ARG A 198 -22.24 25.17 5.24
N ILE A 199 -20.99 25.33 4.81
CA ILE A 199 -20.69 25.90 3.48
C ILE A 199 -20.93 24.88 2.37
N LEU A 200 -21.09 23.61 2.74
CA LEU A 200 -21.45 22.58 1.77
C LEU A 200 -22.94 22.59 1.54
N LYS A 201 -23.33 22.31 0.29
CA LYS A 201 -24.73 22.14 -0.08
C LYS A 201 -25.27 20.81 0.48
N PRO A 202 -26.60 20.64 0.54
CA PRO A 202 -27.20 19.46 1.19
C PRO A 202 -26.64 18.13 0.72
N ASP A 203 -26.34 18.02 -0.58
CA ASP A 203 -25.74 16.80 -1.16
C ASP A 203 -24.20 16.86 -1.14
N GLY A 204 -23.63 17.72 -0.31
CA GLY A 204 -22.20 17.98 -0.34
C GLY A 204 -21.33 16.84 0.14
N ILE A 205 -20.16 16.72 -0.50
CA ILE A 205 -19.13 15.75 -0.14
C ILE A 205 -17.92 16.50 0.40
N CYS A 206 -17.34 16.00 1.47
CA CYS A 206 -16.12 16.59 2.04
C CYS A 206 -15.00 15.57 2.05
N CYS A 207 -13.89 15.90 1.41
CA CYS A 207 -12.72 15.03 1.39
CA CYS A 207 -12.71 15.03 1.38
C CYS A 207 -11.63 15.59 2.29
N ASN A 208 -11.11 14.74 3.18
CA ASN A 208 -10.11 15.13 4.17
C ASN A 208 -8.94 14.16 4.14
N GLN A 209 -7.71 14.68 4.07
CA GLN A 209 -6.53 13.80 4.07
C GLN A 209 -6.42 13.10 5.42
N GLY A 210 -6.18 11.79 5.38
CA GLY A 210 -6.10 10.97 6.59
C GLY A 210 -4.68 10.53 6.83
N GLU A 211 -4.44 9.99 8.01
CA GLU A 211 -3.13 9.47 8.37
C GLU A 211 -3.05 7.98 8.00
N SER A 212 -1.88 7.40 8.26
CA SER A 212 -1.65 5.98 8.00
C SER A 212 -2.35 5.08 9.03
N ILE A 213 -2.87 3.95 8.58
CA ILE A 213 -3.46 2.93 9.47
C ILE A 213 -2.39 2.14 10.23
N TRP A 214 -1.14 2.28 9.83
CA TRP A 214 -0.03 1.62 10.50
C TRP A 214 0.53 2.44 11.67
N LEU A 215 0.76 3.74 11.43
CA LEU A 215 1.49 4.59 12.40
C LEU A 215 0.57 5.37 13.34
N ASP A 216 -0.63 5.71 12.88
CA ASP A 216 -1.58 6.45 13.72
C ASP A 216 -3.04 6.09 13.44
N LEU A 217 -3.37 4.82 13.70
CA LEU A 217 -4.75 4.34 13.60
C LEU A 217 -5.65 5.05 14.62
N GLU A 218 -5.09 5.34 15.80
CA GLU A 218 -5.84 5.98 16.87
C GLU A 218 -6.34 7.36 16.42
N LEU A 219 -5.51 8.09 15.70
CA LEU A 219 -5.88 9.42 15.22
C LEU A 219 -6.99 9.33 14.15
N ILE A 220 -6.88 8.36 13.25
CA ILE A 220 -7.91 8.17 12.22
C ILE A 220 -9.26 7.90 12.87
N GLU A 221 -9.29 7.04 13.89
CA GLU A 221 -10.53 6.73 14.62
C GLU A 221 -11.14 7.96 15.29
N LYS A 222 -10.30 8.76 15.95
CA LYS A 222 -10.77 9.98 16.59
C LYS A 222 -11.28 10.98 15.56
N MSE A 223 -10.48 11.22 14.52
CA MSE A 223 -10.83 12.18 13.45
CA MSE A 223 -10.86 12.18 13.47
C MSE A 223 -12.15 11.77 12.79
O MSE A 223 -13.02 12.60 12.52
CB MSE A 223 -9.72 12.31 12.40
CB MSE A 223 -9.74 12.37 12.45
CG MSE A 223 -9.66 13.68 11.70
CG MSE A 223 -9.84 13.69 11.70
SE MSE A 223 -8.07 14.01 10.58
SE MSE A 223 -9.67 15.26 12.87
CE MSE A 223 -8.08 15.96 10.59
CE MSE A 223 -7.74 15.24 13.14
N SER A 224 -12.32 10.48 12.55
CA SER A 224 -13.54 9.95 11.94
C SER A 224 -14.79 10.16 12.80
N ARG A 225 -14.65 9.89 14.10
CA ARG A 225 -15.74 10.03 15.04
C ARG A 225 -16.07 11.52 15.21
N PHE A 226 -15.03 12.37 15.20
CA PHE A 226 -15.19 13.82 15.35
C PHE A 226 -16.00 14.46 14.22
N ILE A 227 -15.72 14.04 12.99
CA ILE A 227 -16.42 14.56 11.81
C ILE A 227 -17.88 14.09 11.76
N ARG A 228 -18.13 12.87 12.24
CA ARG A 228 -19.51 12.38 12.38
C ARG A 228 -20.26 13.17 13.47
N GLU A 229 -19.60 13.42 14.59
CA GLU A 229 -20.20 14.18 15.69
CA GLU A 229 -20.18 14.20 15.71
C GLU A 229 -20.52 15.62 15.25
N THR A 230 -19.68 16.16 14.36
CA THR A 230 -19.86 17.50 13.82
C THR A 230 -21.19 17.65 13.11
N GLY A 231 -21.64 16.60 12.44
CA GLY A 231 -22.91 16.66 11.71
C GLY A 231 -22.97 15.89 10.40
N PHE A 232 -21.81 15.49 9.87
CA PHE A 232 -21.77 14.68 8.65
C PHE A 232 -22.51 13.35 8.86
N ALA A 233 -23.35 12.98 7.89
CA ALA A 233 -24.16 11.77 7.98
C ALA A 233 -23.34 10.48 7.86
N SER A 234 -22.23 10.52 7.11
CA SER A 234 -21.35 9.37 7.00
C SER A 234 -19.91 9.79 6.71
N VAL A 235 -18.96 9.00 7.23
CA VAL A 235 -17.55 9.19 6.93
C VAL A 235 -16.92 7.82 6.68
N GLN A 236 -16.16 7.73 5.60
CA GLN A 236 -15.55 6.47 5.15
C GLN A 236 -14.10 6.74 4.77
N TYR A 237 -13.21 5.80 5.12
CA TYR A 237 -11.78 5.95 4.96
C TYR A 237 -11.35 5.18 3.72
N ALA A 238 -10.73 5.89 2.78
CA ALA A 238 -10.21 5.29 1.55
C ALA A 238 -8.70 5.14 1.66
N LEU A 239 -8.24 3.91 1.41
CA LEU A 239 -6.82 3.56 1.53
C LEU A 239 -6.17 3.67 0.14
N MSE A 240 -4.87 3.93 0.10
CA MSE A 240 -4.15 4.07 -1.17
C MSE A 240 -2.68 3.67 -1.07
O MSE A 240 -2.09 3.72 0.00
CB MSE A 240 -4.26 5.52 -1.69
CG MSE A 240 -3.53 6.55 -0.84
SE MSE A 240 -3.96 8.41 -1.27
CE MSE A 240 -5.64 8.57 -0.26
N HIS A 241 -2.10 3.27 -2.20
CA HIS A 241 -0.69 2.86 -2.27
C HIS A 241 0.20 4.04 -2.68
N VAL A 242 0.90 4.61 -1.70
CA VAL A 242 1.85 5.70 -1.95
C VAL A 242 3.22 5.26 -1.45
N PRO A 243 4.15 4.96 -2.37
CA PRO A 243 5.43 4.41 -1.94
C PRO A 243 6.28 5.34 -1.05
N THR A 244 6.19 6.65 -1.27
CA THR A 244 7.08 7.61 -0.59
C THR A 244 6.66 7.94 0.85
N TYR A 245 5.44 7.58 1.22
CA TYR A 245 4.97 7.78 2.60
C TYR A 245 5.65 6.76 3.52
N PRO A 246 6.05 7.17 4.75
CA PRO A 246 6.81 6.34 5.71
C PRO A 246 6.49 4.85 5.70
N CYS A 247 5.22 4.49 5.83
CA CYS A 247 4.76 3.10 5.85
CA CYS A 247 4.83 3.07 5.82
C CYS A 247 4.28 2.61 4.48
N GLY A 248 4.10 3.52 3.54
CA GLY A 248 3.68 3.16 2.20
C GLY A 248 2.18 3.17 1.97
N SER A 249 1.43 3.72 2.91
CA SER A 249 -0.04 3.78 2.77
C SER A 249 -0.66 4.85 3.65
N ILE A 250 -0.84 6.02 3.06
CA ILE A 250 -1.69 7.07 3.62
C ILE A 250 -3.15 6.75 3.27
N GLY A 251 -4.09 7.53 3.81
CA GLY A 251 -5.50 7.43 3.43
C GLY A 251 -6.21 8.78 3.38
N THR A 252 -7.52 8.72 3.13
CA THR A 252 -8.37 9.91 3.04
C THR A 252 -9.79 9.63 3.54
N LEU A 253 -10.34 10.57 4.32
CA LEU A 253 -11.73 10.47 4.78
C LEU A 253 -12.68 11.16 3.79
N VAL A 254 -13.54 10.38 3.16
CA VAL A 254 -14.55 10.90 2.25
C VAL A 254 -15.86 10.92 3.04
N CYS A 255 -16.41 12.12 3.23
CA CYS A 255 -17.56 12.34 4.10
C CYS A 255 -18.78 12.88 3.33
N SER A 256 -19.97 12.42 3.70
CA SER A 256 -21.19 12.92 3.08
C SER A 256 -22.01 13.72 4.08
N LYS A 257 -22.60 14.82 3.62
CA LYS A 257 -23.56 15.58 4.42
C LYS A 257 -24.93 14.89 4.38
N LYS A 258 -25.30 14.44 3.18
CA LYS A 258 -26.58 13.76 2.94
C LYS A 258 -26.59 12.35 3.54
N ALA A 259 -27.55 12.10 4.41
CA ALA A 259 -27.78 10.77 4.96
C ALA A 259 -28.35 9.89 3.87
N GLY A 260 -27.67 8.77 3.60
CA GLY A 260 -28.16 7.80 2.62
C GLY A 260 -27.16 7.44 1.53
N VAL A 261 -26.31 8.39 1.16
CA VAL A 261 -25.40 8.16 0.03
C VAL A 261 -24.24 7.26 0.48
N ASP A 262 -23.89 6.30 -0.37
CA ASP A 262 -22.79 5.40 -0.10
C ASP A 262 -21.61 5.73 -1.00
N VAL A 263 -20.64 6.46 -0.45
CA VAL A 263 -19.49 6.93 -1.22
C VAL A 263 -18.53 5.82 -1.65
N THR A 264 -18.67 4.61 -1.09
CA THR A 264 -17.78 3.49 -1.40
C THR A 264 -17.99 2.90 -2.79
N LYS A 265 -19.09 3.27 -3.46
CA LYS A 265 -19.35 2.88 -4.85
C LYS A 265 -19.51 4.16 -5.66
N PRO A 266 -18.79 4.29 -6.79
CA PRO A 266 -18.83 5.54 -7.53
C PRO A 266 -20.24 5.92 -7.98
N LEU A 267 -20.67 7.14 -7.66
CA LEU A 267 -21.98 7.64 -8.11
C LEU A 267 -21.94 8.00 -9.59
N ARG A 268 -20.88 8.70 -10.01
CA ARG A 268 -20.63 8.98 -11.42
C ARG A 268 -19.32 8.31 -11.84
N PRO A 269 -19.39 7.12 -12.47
CA PRO A 269 -18.14 6.41 -12.73
C PRO A 269 -17.26 7.11 -13.77
N VAL A 270 -15.97 7.25 -13.45
CA VAL A 270 -15.01 7.97 -14.28
C VAL A 270 -14.87 7.40 -15.70
N GLU A 271 -15.28 6.14 -15.88
CA GLU A 271 -15.24 5.49 -17.20
C GLU A 271 -16.19 6.14 -18.20
N ASP A 272 -17.19 6.88 -17.73
CA ASP A 272 -18.18 7.55 -18.59
C ASP A 272 -17.79 8.98 -19.01
N MSE A 273 -16.53 9.37 -18.78
CA MSE A 273 -16.04 10.70 -19.14
C MSE A 273 -14.66 10.57 -19.82
O MSE A 273 -13.94 9.63 -19.55
CB MSE A 273 -16.02 11.66 -17.93
CG MSE A 273 -15.51 11.06 -16.62
SE MSE A 273 -16.20 11.97 -15.02
CE MSE A 273 -16.44 13.78 -15.75
N PRO A 274 -14.30 11.55 -20.68
CA PRO A 274 -13.27 11.32 -21.72
C PRO A 274 -11.83 11.24 -21.21
N PHE A 275 -11.57 11.73 -20.00
CA PHE A 275 -10.22 11.71 -19.43
C PHE A 275 -9.91 10.44 -18.58
N ALA A 276 -10.83 9.48 -18.55
CA ALA A 276 -10.62 8.25 -17.79
C ALA A 276 -9.30 7.56 -18.12
N LYS A 277 -8.96 7.50 -19.40
CA LYS A 277 -7.73 6.83 -19.85
C LYS A 277 -6.43 7.60 -19.60
N ASP A 278 -6.53 8.88 -19.22
CA ASP A 278 -5.34 9.67 -18.89
C ASP A 278 -4.83 9.42 -17.45
N LEU A 279 -5.66 8.80 -16.61
CA LEU A 279 -5.33 8.61 -15.19
C LEU A 279 -4.33 7.47 -15.01
N LYS A 280 -3.38 7.65 -14.09
CA LYS A 280 -2.33 6.66 -13.88
C LYS A 280 -2.67 5.64 -12.80
N TYR A 281 -3.57 6.00 -11.90
CA TYR A 281 -3.89 5.18 -10.72
C TYR A 281 -5.38 4.88 -10.62
N TYR A 282 -6.17 5.94 -10.46
CA TYR A 282 -7.58 5.82 -10.13
C TYR A 282 -8.44 5.30 -11.28
N ASP A 283 -9.32 4.37 -10.95
CA ASP A 283 -10.48 4.01 -11.78
C ASP A 283 -11.60 3.52 -10.85
N SER A 284 -12.74 3.14 -11.41
CA SER A 284 -13.88 2.77 -10.57
C SER A 284 -13.63 1.54 -9.70
N GLU A 285 -12.84 0.59 -10.19
CA GLU A 285 -12.57 -0.62 -9.41
C GLU A 285 -11.64 -0.33 -8.24
N MSE A 286 -10.69 0.59 -8.42
CA MSE A 286 -9.83 1.06 -7.32
C MSE A 286 -10.63 1.85 -6.29
O MSE A 286 -10.35 1.77 -5.10
CB MSE A 286 -8.69 1.96 -7.85
CG MSE A 286 -7.54 1.23 -8.51
SE MSE A 286 -6.47 0.14 -7.28
CE MSE A 286 -6.09 1.48 -5.91
N HIS A 287 -11.59 2.61 -6.79
CA HIS A 287 -12.50 3.36 -5.93
C HIS A 287 -13.15 2.41 -4.95
N LYS A 288 -13.73 1.32 -5.45
CA LYS A 288 -14.44 0.37 -4.58
C LYS A 288 -13.46 -0.32 -3.65
N ALA A 289 -12.31 -0.71 -4.20
CA ALA A 289 -11.29 -1.45 -3.48
C ALA A 289 -10.65 -0.65 -2.34
N SER A 290 -10.63 0.67 -2.47
CA SER A 290 -9.93 1.50 -1.50
C SER A 290 -10.60 1.51 -0.13
N PHE A 291 -11.89 1.20 -0.09
CA PHE A 291 -12.67 1.22 1.15
C PHE A 291 -12.71 -0.15 1.87
N ALA A 292 -12.06 -1.14 1.28
CA ALA A 292 -11.86 -2.44 1.95
C ALA A 292 -10.58 -2.29 2.75
N LEU A 293 -10.73 -2.32 4.08
CA LEU A 293 -9.59 -2.17 4.99
C LEU A 293 -9.29 -3.54 5.63
N PRO A 294 -8.02 -3.76 6.01
CA PRO A 294 -7.66 -4.92 6.78
C PRO A 294 -8.53 -5.06 8.04
N ARG A 295 -8.71 -6.30 8.50
CA ARG A 295 -9.54 -6.57 9.66
C ARG A 295 -9.20 -5.73 10.88
N PHE A 296 -7.91 -5.62 11.19
CA PHE A 296 -7.45 -4.85 12.35
C PHE A 296 -7.85 -3.38 12.24
N ALA A 297 -8.07 -2.88 11.02
CA ALA A 297 -8.45 -1.47 10.81
C ALA A 297 -9.91 -1.31 10.33
N ARG A 298 -10.65 -2.40 10.27
CA ARG A 298 -11.96 -2.45 9.62
C ARG A 298 -13.07 -1.66 10.33
N HIS A 299 -12.98 -1.56 11.65
CA HIS A 299 -13.97 -0.81 12.47
C HIS A 299 -14.12 0.66 12.06
N ILE A 300 -13.08 1.24 11.46
CA ILE A 300 -13.12 2.62 10.96
C ILE A 300 -14.31 2.86 10.01
N ASN A 301 -14.53 1.90 9.12
CA ASN A 301 -15.64 1.95 8.15
C ASN A 301 -16.90 1.15 8.56
N ASN A 302 -16.90 0.61 9.78
CA ASN A 302 -17.98 -0.26 10.29
C ASN A 302 -18.20 -1.52 9.45
N SER B 16 25.34 0.23 11.22
CA SER B 16 26.53 0.05 12.11
C SER B 16 26.30 0.70 13.48
N GLY B 17 26.22 2.03 13.51
CA GLY B 17 26.09 2.78 14.77
C GLY B 17 24.68 2.83 15.32
N GLY B 18 24.10 1.65 15.57
CA GLY B 18 22.74 1.54 16.10
C GLY B 18 21.64 1.70 15.06
N TRP B 19 21.95 1.44 13.79
CA TRP B 19 20.95 1.51 12.72
C TRP B 19 21.17 0.41 11.67
N PHE B 20 20.13 -0.37 11.38
CA PHE B 20 20.14 -1.29 10.24
C PHE B 20 19.74 -0.49 9.00
N ARG B 21 20.42 -0.74 7.88
CA ARG B 21 20.09 -0.08 6.62
C ARG B 21 19.81 -1.10 5.53
N GLU B 22 18.63 -1.02 4.93
CA GLU B 22 18.19 -1.97 3.90
C GLU B 22 18.90 -1.71 2.57
N GLU B 23 19.20 -2.78 1.83
CA GLU B 23 19.95 -2.71 0.56
C GLU B 23 19.25 -1.95 -0.56
N ASN B 24 20.03 -1.26 -1.39
CA ASN B 24 19.52 -0.66 -2.63
C ASN B 24 19.34 -1.79 -3.64
N ASP B 25 20.46 -2.45 -3.97
CA ASP B 25 20.52 -3.50 -4.97
C ASP B 25 19.96 -3.02 -6.32
N GLN B 26 18.78 -3.49 -6.71
CA GLN B 26 18.09 -2.97 -7.89
C GLN B 26 17.50 -1.60 -7.57
N TRP B 27 17.68 -0.66 -8.51
CA TRP B 27 17.31 0.74 -8.30
C TRP B 27 18.08 1.36 -7.13
N PRO B 28 19.24 1.97 -7.42
CA PRO B 28 20.09 2.57 -6.41
C PRO B 28 19.69 4.00 -6.08
N GLY B 29 19.96 4.41 -4.85
CA GLY B 29 19.59 5.75 -4.39
C GLY B 29 18.59 5.72 -3.25
N GLN B 30 17.84 4.62 -3.13
CA GLN B 30 16.84 4.47 -2.08
C GLN B 30 17.35 3.59 -0.95
N ALA B 31 16.99 3.95 0.28
CA ALA B 31 17.34 3.14 1.44
C ALA B 31 16.39 3.42 2.59
N MSE B 32 16.13 2.41 3.40
CA MSE B 32 15.30 2.57 4.58
C MSE B 32 16.04 2.00 5.78
O MSE B 32 16.81 1.04 5.64
CB MSE B 32 13.96 1.89 4.35
CG MSE B 32 12.83 2.41 5.21
SE MSE B 32 12.55 1.26 6.73
CE MSE B 32 11.50 -0.16 5.86
N SER B 33 15.84 2.60 6.96
CA SER B 33 16.64 2.26 8.15
C SER B 33 15.81 2.11 9.43
N LEU B 34 16.25 1.19 10.30
CA LEU B 34 15.62 0.94 11.59
C LEU B 34 16.66 0.98 12.71
N ARG B 35 16.33 1.63 13.83
CA ARG B 35 17.23 1.70 14.97
C ARG B 35 17.29 0.34 15.68
N VAL B 36 18.51 -0.14 15.90
CA VAL B 36 18.74 -1.45 16.53
C VAL B 36 18.93 -1.28 18.04
N GLU B 37 18.17 -2.06 18.81
CA GLU B 37 18.26 -2.07 20.27
C GLU B 37 19.24 -3.16 20.69
N LYS B 38 19.00 -4.37 20.22
CA LYS B 38 19.85 -5.53 20.53
C LYS B 38 19.93 -6.46 19.33
N VAL B 39 21.16 -6.82 18.95
CA VAL B 39 21.37 -7.79 17.87
C VAL B 39 21.28 -9.19 18.45
N LEU B 40 20.40 -10.00 17.86
CA LEU B 40 20.21 -11.39 18.28
C LEU B 40 21.01 -12.35 17.39
N TYR B 41 21.21 -11.95 16.13
CA TYR B 41 21.95 -12.76 15.17
C TYR B 41 22.37 -11.91 13.97
N ASP B 42 23.62 -12.04 13.55
CA ASP B 42 24.09 -11.37 12.32
C ASP B 42 25.31 -12.08 11.78
N ALA B 43 25.09 -12.86 10.72
CA ALA B 43 26.15 -13.62 10.09
C ALA B 43 25.59 -14.35 8.87
N PRO B 44 26.45 -14.67 7.89
CA PRO B 44 26.04 -15.57 6.80
C PRO B 44 25.58 -16.95 7.27
N THR B 45 24.89 -17.67 6.39
CA THR B 45 24.57 -19.07 6.62
C THR B 45 25.13 -19.88 5.43
N LYS B 46 24.61 -21.09 5.23
CA LYS B 46 25.00 -21.93 4.09
C LYS B 46 24.65 -21.28 2.76
N PHE B 47 23.58 -20.48 2.74
CA PHE B 47 23.00 -19.98 1.48
C PHE B 47 22.76 -18.46 1.41
N GLN B 48 22.79 -17.76 2.53
CA GLN B 48 22.50 -16.31 2.53
C GLN B 48 22.86 -15.63 3.85
N HIS B 49 22.81 -14.30 3.84
CA HIS B 49 23.12 -13.49 5.02
C HIS B 49 21.89 -13.33 5.90
N LEU B 50 21.91 -13.96 7.08
CA LEU B 50 20.80 -13.86 8.01
C LEU B 50 21.11 -12.78 9.05
N THR B 51 20.10 -11.96 9.37
CA THR B 51 20.25 -10.86 10.30
C THR B 51 19.00 -10.69 11.18
N ILE B 52 19.09 -11.06 12.45
CA ILE B 52 17.99 -10.89 13.38
C ILE B 52 18.37 -9.88 14.46
N PHE B 53 17.45 -8.97 14.77
CA PHE B 53 17.67 -7.99 15.83
C PHE B 53 16.38 -7.49 16.44
N GLU B 54 16.48 -6.99 17.66
CA GLU B 54 15.37 -6.33 18.31
C GLU B 54 15.42 -4.85 17.93
N SER B 55 14.29 -4.32 17.46
CA SER B 55 14.19 -2.93 17.06
C SER B 55 13.91 -2.02 18.26
N ASP B 56 13.82 -0.72 17.99
CA ASP B 56 13.54 0.29 19.01
C ASP B 56 12.23 -0.05 19.75
N PRO B 57 12.31 -0.29 21.08
CA PRO B 57 11.11 -0.52 21.90
C PRO B 57 10.06 0.58 21.79
N LYS B 58 10.51 1.82 21.60
CA LYS B 58 9.58 2.93 21.36
C LYS B 58 8.85 2.77 20.02
N GLY B 59 9.50 2.10 19.07
CA GLY B 59 8.86 1.71 17.81
C GLY B 59 8.08 0.41 17.95
N PRO B 60 7.14 0.14 17.01
CA PRO B 60 6.24 -1.00 17.14
C PRO B 60 6.67 -2.28 16.41
N TRP B 61 7.80 -2.24 15.71
CA TRP B 61 8.22 -3.36 14.84
C TRP B 61 8.61 -4.61 15.60
N GLY B 62 9.14 -4.46 16.80
CA GLY B 62 9.55 -5.59 17.62
C GLY B 62 10.78 -6.26 17.04
N THR B 63 10.80 -7.59 17.08
CA THR B 63 11.93 -8.34 16.55
C THR B 63 11.86 -8.33 15.02
N VAL B 64 12.98 -8.01 14.39
CA VAL B 64 13.08 -7.88 12.94
C VAL B 64 14.05 -8.92 12.39
N MSE B 65 13.73 -9.49 11.23
CA MSE B 65 14.63 -10.41 10.52
C MSE B 65 14.90 -9.92 9.10
O MSE B 65 13.96 -9.55 8.38
CB MSE B 65 14.02 -11.81 10.44
CG MSE B 65 14.93 -12.85 9.75
SE MSE B 65 14.17 -14.65 9.58
CE MSE B 65 14.03 -15.11 11.47
N ALA B 66 16.17 -9.94 8.69
CA ALA B 66 16.56 -9.56 7.34
C ALA B 66 17.39 -10.66 6.69
N LEU B 67 17.03 -11.01 5.46
CA LEU B 67 17.78 -11.97 4.65
C LEU B 67 18.45 -11.25 3.48
N ASP B 68 19.77 -11.36 3.37
CA ASP B 68 20.55 -10.69 2.31
C ASP B 68 20.34 -9.17 2.31
N GLY B 69 20.30 -8.58 3.49
CA GLY B 69 20.09 -7.14 3.65
C GLY B 69 18.71 -6.65 3.26
N CYS B 70 17.71 -7.52 3.38
CA CYS B 70 16.33 -7.21 3.00
CA CYS B 70 16.33 -7.20 3.01
C CYS B 70 15.37 -7.74 4.07
N ILE B 71 14.62 -6.83 4.69
CA ILE B 71 13.71 -7.18 5.78
C ILE B 71 12.64 -8.16 5.29
N GLN B 72 12.59 -9.34 5.92
CA GLN B 72 11.63 -10.39 5.55
C GLN B 72 10.47 -10.47 6.54
N VAL B 73 10.79 -10.48 7.82
CA VAL B 73 9.81 -10.67 8.87
C VAL B 73 10.02 -9.65 9.98
N THR B 74 8.95 -9.04 10.45
CA THR B 74 8.94 -8.26 11.68
C THR B 74 7.69 -8.61 12.45
N ASP B 75 7.76 -8.59 13.79
CA ASP B 75 6.61 -8.96 14.64
C ASP B 75 5.33 -8.19 14.34
N TYR B 76 5.49 -6.95 13.86
CA TYR B 76 4.38 -6.03 13.67
C TYR B 76 3.53 -6.31 12.43
N ASP B 77 4.17 -6.46 11.27
CA ASP B 77 3.44 -6.58 9.99
C ASP B 77 3.49 -7.97 9.38
N GLU B 78 4.15 -8.89 10.06
CA GLU B 78 4.33 -10.27 9.59
C GLU B 78 3.05 -10.96 9.12
N PHE B 79 1.92 -10.67 9.79
CA PHE B 79 0.64 -11.31 9.48
C PHE B 79 0.09 -11.02 8.08
N VAL B 80 0.47 -9.90 7.47
CA VAL B 80 -0.09 -9.52 6.16
C VAL B 80 0.32 -10.51 5.09
N TYR B 81 1.63 -10.69 4.96
CA TYR B 81 2.21 -11.53 3.92
C TYR B 81 1.77 -12.99 4.05
N HIS B 82 1.73 -13.47 5.30
CA HIS B 82 1.40 -14.86 5.59
C HIS B 82 -0.08 -15.17 5.39
N GLU B 83 -0.95 -14.24 5.77
CA GLU B 83 -2.39 -14.43 5.58
C GLU B 83 -2.76 -14.35 4.10
N VAL B 84 -2.15 -13.42 3.38
CA VAL B 84 -2.49 -13.24 1.97
C VAL B 84 -2.11 -14.45 1.14
N LEU B 85 -0.88 -14.93 1.27
CA LEU B 85 -0.44 -16.15 0.58
C LEU B 85 -1.26 -17.38 1.01
N GLY B 86 -1.35 -17.60 2.32
CA GLY B 86 -2.03 -18.77 2.84
C GLY B 86 -3.49 -18.87 2.43
N HIS B 87 -4.22 -17.76 2.60
CA HIS B 87 -5.68 -17.79 2.47
C HIS B 87 -6.22 -17.45 1.09
N THR B 88 -5.58 -16.55 0.36
CA THR B 88 -6.04 -16.19 -0.97
C THR B 88 -6.03 -17.41 -1.90
N SER B 89 -5.00 -18.24 -1.76
CA SER B 89 -4.86 -19.46 -2.55
C SER B 89 -5.78 -20.60 -2.07
N LEU B 90 -5.83 -20.82 -0.76
CA LEU B 90 -6.68 -21.89 -0.22
C LEU B 90 -8.17 -21.59 -0.40
N CYS B 91 -8.57 -20.34 -0.14
CA CYS B 91 -9.97 -19.95 -0.30
C CYS B 91 -10.42 -19.93 -1.77
N SER B 92 -9.47 -19.99 -2.69
CA SER B 92 -9.77 -20.06 -4.13
C SER B 92 -9.89 -21.51 -4.64
N HIS B 93 -9.54 -22.48 -3.80
CA HIS B 93 -9.65 -23.91 -4.16
C HIS B 93 -10.96 -24.51 -3.60
N PRO B 94 -11.62 -25.36 -4.39
CA PRO B 94 -12.89 -25.94 -3.90
C PRO B 94 -12.77 -26.85 -2.67
N LYS B 95 -11.64 -27.53 -2.50
CA LYS B 95 -11.45 -28.48 -1.38
C LYS B 95 -9.98 -28.89 -1.23
N PRO B 96 -9.13 -27.98 -0.69
CA PRO B 96 -7.69 -28.24 -0.60
C PRO B 96 -7.29 -29.21 0.51
N GLU B 97 -6.99 -30.44 0.13
CA GLU B 97 -6.64 -31.49 1.09
C GLU B 97 -5.13 -31.65 1.27
N ARG B 98 -4.37 -31.52 0.18
CA ARG B 98 -2.92 -31.67 0.21
C ARG B 98 -2.23 -30.43 -0.35
N VAL B 99 -1.29 -29.89 0.42
CA VAL B 99 -0.63 -28.63 0.11
C VAL B 99 0.91 -28.75 0.16
N LEU B 100 1.59 -28.06 -0.74
CA LEU B 100 3.06 -27.97 -0.75
C LEU B 100 3.49 -26.51 -0.61
N ILE B 101 4.49 -26.26 0.23
CA ILE B 101 5.06 -24.93 0.37
C ILE B 101 6.55 -24.99 0.06
N ILE B 102 6.98 -24.35 -1.02
CA ILE B 102 8.39 -24.24 -1.36
C ILE B 102 8.91 -22.97 -0.71
N GLY B 103 9.93 -23.11 0.12
CA GLY B 103 10.39 -22.04 1.00
C GLY B 103 9.56 -22.08 2.28
N GLY B 104 9.18 -20.90 2.79
CA GLY B 104 8.35 -20.81 3.99
C GLY B 104 9.03 -21.42 5.22
N GLY B 105 10.33 -21.19 5.34
CA GLY B 105 11.11 -21.75 6.43
C GLY B 105 10.73 -21.23 7.81
N ASP B 106 10.32 -19.96 7.87
CA ASP B 106 9.91 -19.36 9.15
C ASP B 106 8.59 -19.92 9.70
N GLY B 107 7.82 -20.61 8.84
CA GLY B 107 6.59 -21.28 9.25
C GLY B 107 5.35 -20.39 9.23
N GLY B 108 5.49 -19.16 8.76
CA GLY B 108 4.39 -18.22 8.74
C GLY B 108 3.28 -18.62 7.80
N VAL B 109 3.62 -18.98 6.57
CA VAL B 109 2.62 -19.44 5.62
C VAL B 109 2.02 -20.79 6.05
N LEU B 110 2.86 -21.65 6.62
CA LEU B 110 2.40 -22.95 7.10
C LEU B 110 1.34 -22.78 8.19
N ARG B 111 1.58 -21.85 9.12
CA ARG B 111 0.66 -21.59 10.21
C ARG B 111 -0.74 -21.19 9.68
N GLU B 112 -0.77 -20.43 8.61
CA GLU B 112 -2.04 -19.98 8.03
C GLU B 112 -2.73 -21.07 7.22
N VAL B 113 -1.94 -21.90 6.52
CA VAL B 113 -2.51 -23.01 5.77
C VAL B 113 -3.15 -24.00 6.74
N LEU B 114 -2.49 -24.24 7.88
CA LEU B 114 -2.97 -25.21 8.86
C LEU B 114 -4.25 -24.80 9.59
N ARG B 115 -4.65 -23.54 9.49
CA ARG B 115 -5.95 -23.11 10.02
C ARG B 115 -7.12 -23.81 9.33
N HIS B 116 -6.94 -24.15 8.06
CA HIS B 116 -8.03 -24.71 7.26
C HIS B 116 -8.29 -26.17 7.63
N GLY B 117 -9.54 -26.47 7.95
CA GLY B 117 -9.93 -27.81 8.36
C GLY B 117 -9.81 -28.86 7.26
N THR B 118 -9.93 -28.43 6.00
CA THR B 118 -9.85 -29.36 4.86
C THR B 118 -8.45 -29.91 4.63
N VAL B 119 -7.44 -29.19 5.08
CA VAL B 119 -6.05 -29.59 4.86
C VAL B 119 -5.72 -30.82 5.68
N GLU B 120 -5.54 -31.95 5.01
CA GLU B 120 -5.20 -33.21 5.66
C GLU B 120 -3.71 -33.29 5.94
N HIS B 121 -2.90 -32.80 4.99
CA HIS B 121 -1.44 -32.81 5.12
C HIS B 121 -0.83 -31.67 4.34
N CYS B 122 0.33 -31.19 4.81
CA CYS B 122 1.06 -30.11 4.18
C CYS B 122 2.56 -30.39 4.18
N ASP B 123 3.16 -30.45 2.99
CA ASP B 123 4.60 -30.66 2.86
C ASP B 123 5.29 -29.30 2.70
N LEU B 124 6.43 -29.12 3.38
CA LEU B 124 7.19 -27.86 3.30
C LEU B 124 8.65 -28.14 3.01
N VAL B 125 9.19 -27.51 1.97
CA VAL B 125 10.56 -27.72 1.56
C VAL B 125 11.31 -26.39 1.41
N ASP B 126 12.18 -26.09 2.37
CA ASP B 126 13.02 -24.90 2.34
C ASP B 126 14.47 -25.36 2.38
N ILE B 127 15.37 -24.63 1.73
CA ILE B 127 16.76 -25.07 1.63
C ILE B 127 17.62 -24.65 2.82
N ASP B 128 17.28 -23.52 3.45
CA ASP B 128 18.09 -22.97 4.54
C ASP B 128 17.57 -23.45 5.90
N GLY B 129 18.33 -24.34 6.54
CA GLY B 129 17.96 -24.88 7.84
C GLY B 129 18.27 -23.95 9.00
N GLU B 130 19.25 -23.06 8.83
CA GLU B 130 19.65 -22.14 9.88
C GLU B 130 18.60 -21.05 10.09
N VAL B 131 17.98 -20.61 9.00
CA VAL B 131 16.90 -19.63 9.07
C VAL B 131 15.72 -20.16 9.89
N MSE B 132 15.35 -21.42 9.70
CA MSE B 132 14.24 -21.99 10.46
C MSE B 132 14.58 -22.25 11.93
O MSE B 132 13.70 -22.19 12.79
CB MSE B 132 13.63 -23.23 9.80
CG MSE B 132 14.47 -24.47 9.79
SE MSE B 132 13.38 -25.93 9.10
CE MSE B 132 12.12 -26.11 10.59
N GLU B 133 15.86 -22.52 12.22
CA GLU B 133 16.32 -22.66 13.61
C GLU B 133 16.29 -21.31 14.34
N GLN B 134 16.65 -20.24 13.63
CA GLN B 134 16.61 -18.89 14.21
C GLN B 134 15.17 -18.35 14.33
N SER B 135 14.29 -18.79 13.44
CA SER B 135 12.87 -18.49 13.56
C SER B 135 12.28 -19.23 14.77
N LYS B 136 12.64 -20.50 14.94
CA LYS B 136 12.23 -21.29 16.10
C LYS B 136 12.59 -20.60 17.42
N GLN B 137 13.71 -19.88 17.42
CA GLN B 137 14.21 -19.24 18.64
C GLN B 137 13.58 -17.87 18.88
N HIS B 138 13.61 -17.01 17.86
CA HIS B 138 13.23 -15.60 18.02
C HIS B 138 11.85 -15.23 17.50
N PHE B 139 11.24 -16.13 16.70
CA PHE B 139 9.87 -15.92 16.22
C PHE B 139 9.00 -17.16 16.51
N PRO B 140 8.76 -17.46 17.80
CA PRO B 140 7.97 -18.65 18.14
C PRO B 140 6.51 -18.57 17.66
N GLN B 141 5.91 -17.38 17.71
CA GLN B 141 4.52 -17.21 17.29
C GLN B 141 4.35 -17.49 15.80
N ILE B 142 5.44 -17.33 15.04
CA ILE B 142 5.45 -17.62 13.60
C ILE B 142 5.79 -19.08 13.31
N SER B 143 6.80 -19.59 14.01
CA SER B 143 7.37 -20.90 13.70
C SER B 143 6.79 -22.08 14.49
N ARG B 144 5.75 -21.82 15.29
CA ARG B 144 5.10 -22.87 16.08
C ARG B 144 4.55 -24.01 15.22
N SER B 145 4.11 -23.67 14.00
CA SER B 145 3.46 -24.60 13.09
C SER B 145 4.38 -25.63 12.46
N LEU B 146 5.69 -25.42 12.54
CA LEU B 146 6.66 -26.35 11.97
C LEU B 146 6.59 -27.71 12.68
N ALA B 147 6.09 -27.72 13.91
CA ALA B 147 5.97 -28.94 14.71
C ALA B 147 4.58 -29.60 14.66
N ASP B 148 3.68 -29.08 13.81
CA ASP B 148 2.31 -29.59 13.74
C ASP B 148 2.30 -30.99 13.09
N PRO B 149 1.48 -31.92 13.64
CA PRO B 149 1.44 -33.30 13.12
C PRO B 149 1.06 -33.43 11.64
N ARG B 150 0.32 -32.47 11.12
CA ARG B 150 -0.08 -32.46 9.69
C ARG B 150 0.98 -31.82 8.76
N ALA B 151 2.05 -31.29 9.35
CA ALA B 151 3.15 -30.71 8.58
C ALA B 151 4.34 -31.68 8.53
N THR B 152 4.85 -31.98 7.33
CA THR B 152 6.14 -32.63 7.16
C THR B 152 7.12 -31.59 6.64
N VAL B 153 8.04 -31.17 7.52
CA VAL B 153 9.02 -30.15 7.19
C VAL B 153 10.30 -30.81 6.68
N ARG B 154 10.80 -30.33 5.55
CA ARG B 154 12.02 -30.86 4.95
C ARG B 154 13.01 -29.75 4.61
N VAL B 155 14.27 -29.98 4.95
CA VAL B 155 15.36 -29.11 4.55
C VAL B 155 16.03 -29.75 3.34
N GLY B 156 15.95 -29.07 2.20
CA GLY B 156 16.53 -29.60 0.97
C GLY B 156 16.12 -28.80 -0.25
N ASP B 157 16.54 -29.27 -1.42
CA ASP B 157 16.31 -28.58 -2.68
C ASP B 157 14.85 -28.75 -3.13
N GLY B 158 14.18 -27.62 -3.39
CA GLY B 158 12.80 -27.62 -3.88
C GLY B 158 12.67 -28.08 -5.33
N LEU B 159 13.71 -27.84 -6.13
CA LEU B 159 13.73 -28.27 -7.52
C LEU B 159 13.81 -29.79 -7.59
N ALA B 160 14.69 -30.39 -6.78
CA ALA B 160 14.81 -31.84 -6.71
C ALA B 160 13.52 -32.49 -6.20
N PHE B 161 12.89 -31.86 -5.22
CA PHE B 161 11.69 -32.42 -4.63
C PHE B 161 10.52 -32.48 -5.62
N VAL B 162 10.25 -31.35 -6.30
CA VAL B 162 9.11 -31.28 -7.23
C VAL B 162 9.29 -32.17 -8.45
N ARG B 163 10.53 -32.35 -8.91
CA ARG B 163 10.76 -33.23 -10.07
C ARG B 163 10.59 -34.71 -9.71
N GLN B 164 10.81 -35.05 -8.44
CA GLN B 164 10.63 -36.41 -7.94
C GLN B 164 9.24 -36.64 -7.32
N THR B 165 8.37 -35.64 -7.39
CA THR B 165 7.00 -35.80 -6.91
C THR B 165 6.12 -36.24 -8.07
N PRO B 166 5.28 -37.26 -7.86
CA PRO B 166 4.41 -37.73 -8.94
C PRO B 166 3.32 -36.71 -9.33
N ASP B 167 2.64 -37.01 -10.44
CA ASP B 167 1.61 -36.13 -10.97
C ASP B 167 0.43 -36.04 -10.02
N ASN B 168 -0.37 -34.99 -10.16
CA ASN B 168 -1.64 -34.87 -9.46
C ASN B 168 -1.54 -35.23 -7.96
N THR B 169 -0.48 -34.77 -7.30
CA THR B 169 -0.30 -35.01 -5.86
C THR B 169 -0.88 -33.88 -5.00
N TYR B 170 -0.74 -32.63 -5.44
CA TYR B 170 -1.12 -31.48 -4.62
C TYR B 170 -2.35 -30.73 -5.11
N ASP B 171 -3.08 -30.17 -4.17
CA ASP B 171 -4.22 -29.29 -4.46
C ASP B 171 -3.75 -27.84 -4.57
N VAL B 172 -2.86 -27.44 -3.69
CA VAL B 172 -2.28 -26.09 -3.69
C VAL B 172 -0.76 -26.17 -3.54
N VAL B 173 -0.04 -25.34 -4.31
CA VAL B 173 1.43 -25.22 -4.18
C VAL B 173 1.77 -23.76 -3.97
N ILE B 174 2.34 -23.45 -2.80
CA ILE B 174 2.71 -22.08 -2.47
C ILE B 174 4.22 -21.89 -2.57
N ILE B 175 4.65 -21.07 -3.53
CA ILE B 175 6.06 -20.78 -3.73
C ILE B 175 6.42 -19.47 -3.01
N ASP B 176 6.94 -19.60 -1.79
CA ASP B 176 7.33 -18.46 -0.97
C ASP B 176 8.83 -18.17 -1.13
N THR B 177 9.24 -17.81 -2.34
CA THR B 177 10.66 -17.56 -2.63
C THR B 177 10.84 -16.99 -4.05
N THR B 178 11.89 -16.18 -4.24
CA THR B 178 12.23 -15.64 -5.57
C THR B 178 13.48 -16.32 -6.17
N ASP B 179 13.84 -17.46 -5.59
CA ASP B 179 14.74 -18.52 -6.13
C ASP B 179 15.97 -18.99 -5.31
N PRO B 180 16.09 -18.65 -4.01
CA PRO B 180 17.40 -18.93 -3.40
C PRO B 180 17.73 -20.36 -2.93
N ALA B 181 18.79 -20.86 -3.57
CA ALA B 181 19.37 -22.18 -3.36
C ALA B 181 20.59 -22.37 -4.26
N GLY B 182 21.45 -21.35 -4.35
CA GLY B 182 22.57 -21.34 -5.28
C GLY B 182 22.20 -20.71 -6.62
N LEU B 187 17.60 -19.45 -14.55
CA LEU B 187 18.49 -20.35 -13.81
C LEU B 187 17.87 -21.73 -13.66
N PHE B 188 16.55 -21.78 -13.48
CA PHE B 188 15.79 -23.05 -13.46
C PHE B 188 14.28 -22.85 -13.23
N GLY B 189 13.71 -21.93 -14.01
CA GLY B 189 12.27 -21.69 -13.98
C GLY B 189 11.55 -22.67 -14.89
N GLU B 190 12.04 -22.79 -16.12
CA GLU B 190 11.39 -23.60 -17.15
C GLU B 190 11.03 -25.00 -16.65
N ALA B 191 12.04 -25.75 -16.21
CA ALA B 191 11.81 -27.09 -15.69
C ALA B 191 10.96 -27.07 -14.41
N PHE B 192 11.21 -26.09 -13.54
CA PHE B 192 10.56 -26.03 -12.23
C PHE B 192 9.06 -25.75 -12.32
N TYR B 193 8.66 -24.81 -13.16
CA TYR B 193 7.25 -24.46 -13.28
C TYR B 193 6.45 -25.51 -14.05
N LYS B 194 7.12 -26.24 -14.94
CA LYS B 194 6.52 -27.41 -15.59
C LYS B 194 6.24 -28.48 -14.55
N ASP B 195 7.22 -28.70 -13.66
CA ASP B 195 7.04 -29.65 -12.56
C ASP B 195 5.86 -29.25 -11.67
N VAL B 196 5.81 -27.99 -11.27
CA VAL B 196 4.76 -27.49 -10.40
C VAL B 196 3.37 -27.66 -11.03
N LEU B 197 3.27 -27.41 -12.33
CA LEU B 197 2.03 -27.59 -13.07
C LEU B 197 1.57 -29.06 -13.08
N ARG B 198 2.54 -29.95 -13.25
CA ARG B 198 2.29 -31.39 -13.35
C ARG B 198 1.87 -32.02 -12.02
N ILE B 199 2.52 -31.58 -10.93
CA ILE B 199 2.26 -32.15 -9.60
C ILE B 199 0.95 -31.62 -9.00
N LEU B 200 0.37 -30.58 -9.60
CA LEU B 200 -0.94 -30.08 -9.18
C LEU B 200 -2.05 -30.92 -9.82
N LYS B 201 -3.11 -31.16 -9.05
CA LYS B 201 -4.30 -31.85 -9.55
C LYS B 201 -5.03 -30.93 -10.53
N PRO B 202 -5.94 -31.49 -11.35
CA PRO B 202 -6.61 -30.69 -12.39
C PRO B 202 -7.24 -29.37 -11.91
N ASP B 203 -7.81 -29.36 -10.71
CA ASP B 203 -8.39 -28.14 -10.14
C ASP B 203 -7.39 -27.36 -9.28
N GLY B 204 -6.09 -27.62 -9.50
CA GLY B 204 -5.04 -27.07 -8.64
C GLY B 204 -4.83 -25.57 -8.76
N ILE B 205 -4.45 -24.97 -7.63
CA ILE B 205 -4.09 -23.55 -7.55
C ILE B 205 -2.61 -23.45 -7.20
N CYS B 206 -1.90 -22.52 -7.83
CA CYS B 206 -0.51 -22.25 -7.48
C CYS B 206 -0.33 -20.78 -7.08
N CYS B 207 0.20 -20.58 -5.88
CA CYS B 207 0.46 -19.24 -5.35
C CYS B 207 1.96 -18.96 -5.41
N ASN B 208 2.32 -17.84 -6.02
CA ASN B 208 3.73 -17.47 -6.16
C ASN B 208 3.95 -16.05 -5.69
N GLN B 209 4.97 -15.82 -4.88
CA GLN B 209 5.24 -14.48 -4.40
C GLN B 209 5.73 -13.58 -5.55
N GLY B 210 5.13 -12.40 -5.65
CA GLY B 210 5.42 -11.46 -6.72
C GLY B 210 6.26 -10.32 -6.22
N GLU B 211 6.75 -9.51 -7.16
CA GLU B 211 7.51 -8.31 -6.80
C GLU B 211 6.56 -7.11 -6.69
N SER B 212 7.14 -5.95 -6.38
CA SER B 212 6.39 -4.71 -6.29
C SER B 212 6.03 -4.14 -7.67
N ILE B 213 4.84 -3.56 -7.77
CA ILE B 213 4.39 -2.88 -8.98
C ILE B 213 5.11 -1.54 -9.19
N TRP B 214 5.78 -1.06 -8.14
CA TRP B 214 6.47 0.20 -8.20
C TRP B 214 7.90 0.07 -8.71
N LEU B 215 8.64 -0.90 -8.21
CA LEU B 215 10.07 -1.00 -8.53
C LEU B 215 10.43 -2.06 -9.58
N ASP B 216 9.56 -3.05 -9.81
CA ASP B 216 9.78 -4.02 -10.89
C ASP B 216 8.49 -4.56 -11.49
N LEU B 217 7.76 -3.66 -12.12
CA LEU B 217 6.56 -4.01 -12.87
C LEU B 217 6.92 -4.88 -14.08
N GLU B 218 8.07 -4.60 -14.70
CA GLU B 218 8.54 -5.33 -15.89
C GLU B 218 8.71 -6.82 -15.57
N LEU B 219 9.24 -7.11 -14.39
CA LEU B 219 9.46 -8.47 -13.94
C LEU B 219 8.14 -9.22 -13.67
N ILE B 220 7.17 -8.54 -13.06
CA ILE B 220 5.85 -9.10 -12.78
C ILE B 220 5.14 -9.49 -14.08
N GLU B 221 5.24 -8.63 -15.09
CA GLU B 221 4.64 -8.85 -16.40
CA GLU B 221 4.62 -8.87 -16.39
C GLU B 221 5.27 -10.08 -17.09
N LYS B 222 6.60 -10.16 -17.05
CA LYS B 222 7.32 -11.31 -17.62
C LYS B 222 6.98 -12.60 -16.90
N MSE B 223 7.03 -12.55 -15.57
CA MSE B 223 6.73 -13.70 -14.71
CA MSE B 223 6.73 -13.71 -14.73
C MSE B 223 5.30 -14.20 -14.98
O MSE B 223 5.07 -15.40 -15.06
CB MSE B 223 6.88 -13.27 -13.23
CB MSE B 223 6.94 -13.41 -13.25
CG MSE B 223 7.16 -14.38 -12.24
CG MSE B 223 8.41 -13.38 -12.80
SE MSE B 223 7.68 -13.65 -10.48
SE MSE B 223 9.17 -15.17 -12.45
CE MSE B 223 9.33 -12.74 -10.96
CE MSE B 223 11.07 -14.70 -12.26
N SER B 224 4.38 -13.26 -15.10
CA SER B 224 2.98 -13.56 -15.40
C SER B 224 2.78 -14.26 -16.75
N ARG B 225 3.42 -13.77 -17.80
CA ARG B 225 3.31 -14.37 -19.13
CA ARG B 225 3.27 -14.38 -19.13
C ARG B 225 3.97 -15.74 -19.17
N PHE B 226 5.06 -15.88 -18.45
CA PHE B 226 5.83 -17.11 -18.40
C PHE B 226 5.03 -18.26 -17.80
N ILE B 227 4.33 -17.97 -16.71
CA ILE B 227 3.53 -18.98 -16.02
C ILE B 227 2.32 -19.38 -16.87
N ARG B 228 1.78 -18.42 -17.61
CA ARG B 228 0.67 -18.68 -18.53
C ARG B 228 1.15 -19.54 -19.69
N GLU B 229 2.32 -19.20 -20.23
CA GLU B 229 2.91 -19.97 -21.35
C GLU B 229 3.26 -21.39 -20.93
N THR B 230 3.61 -21.55 -19.66
CA THR B 230 3.94 -22.87 -19.10
C THR B 230 2.76 -23.84 -19.13
N GLY B 231 1.53 -23.34 -19.02
CA GLY B 231 0.34 -24.18 -19.09
C GLY B 231 -0.82 -23.80 -18.19
N PHE B 232 -0.58 -22.96 -17.20
CA PHE B 232 -1.65 -22.47 -16.33
C PHE B 232 -2.72 -21.72 -17.12
N ALA B 233 -3.98 -22.05 -16.86
CA ALA B 233 -5.10 -21.45 -17.60
C ALA B 233 -5.30 -19.96 -17.28
N SER B 234 -4.98 -19.57 -16.05
CA SER B 234 -5.09 -18.16 -15.66
C SER B 234 -4.08 -17.77 -14.60
N VAL B 235 -3.63 -16.52 -14.64
CA VAL B 235 -2.73 -15.98 -13.63
C VAL B 235 -3.20 -14.56 -13.26
N GLN B 236 -3.34 -14.31 -11.97
CA GLN B 236 -3.85 -13.02 -11.46
C GLN B 236 -2.97 -12.53 -10.34
N TYR B 237 -2.70 -11.22 -10.33
CA TYR B 237 -1.80 -10.61 -9.34
C TYR B 237 -2.60 -9.97 -8.22
N ALA B 238 -2.36 -10.42 -7.00
CA ALA B 238 -3.02 -9.87 -5.81
C ALA B 238 -2.09 -8.91 -5.10
N LEU B 239 -2.57 -7.69 -4.84
CA LEU B 239 -1.76 -6.63 -4.24
C LEU B 239 -2.03 -6.59 -2.72
N MSE B 240 -1.03 -6.17 -1.95
CA MSE B 240 -1.18 -6.12 -0.49
C MSE B 240 -0.40 -4.96 0.15
O MSE B 240 0.59 -4.48 -0.40
CB MSE B 240 -0.75 -7.46 0.15
CG MSE B 240 0.74 -7.77 0.13
SE MSE B 240 1.24 -9.58 0.71
CE MSE B 240 0.81 -10.57 -0.93
N HIS B 241 -0.86 -4.53 1.32
CA HIS B 241 -0.22 -3.46 2.09
C HIS B 241 0.76 -4.03 3.11
N VAL B 242 2.05 -3.97 2.79
CA VAL B 242 3.12 -4.43 3.69
C VAL B 242 4.06 -3.24 3.96
N PRO B 243 3.99 -2.64 5.16
CA PRO B 243 4.74 -1.42 5.40
C PRO B 243 6.27 -1.55 5.32
N THR B 244 6.80 -2.72 5.67
CA THR B 244 8.25 -2.92 5.75
C THR B 244 8.94 -3.14 4.40
N TYR B 245 8.16 -3.44 3.35
CA TYR B 245 8.72 -3.62 2.01
C TYR B 245 9.12 -2.24 1.45
N PRO B 246 10.27 -2.16 0.72
CA PRO B 246 10.82 -0.89 0.19
C PRO B 246 9.80 0.17 -0.26
N CYS B 247 8.87 -0.24 -1.12
CA CYS B 247 7.83 0.66 -1.66
C CYS B 247 6.54 0.63 -0.81
N GLY B 248 6.37 -0.43 -0.01
CA GLY B 248 5.20 -0.59 0.83
C GLY B 248 4.10 -1.44 0.20
N SER B 249 4.41 -2.11 -0.91
CA SER B 249 3.41 -2.96 -1.58
C SER B 249 4.02 -4.05 -2.47
N ILE B 250 4.26 -5.21 -1.86
CA ILE B 250 4.57 -6.43 -2.58
C ILE B 250 3.23 -7.02 -3.07
N GLY B 251 3.28 -8.13 -3.79
CA GLY B 251 2.07 -8.86 -4.15
C GLY B 251 2.31 -10.35 -4.37
N THR B 252 1.26 -11.07 -4.73
CA THR B 252 1.35 -12.50 -5.03
C THR B 252 0.64 -12.83 -6.34
N LEU B 253 1.22 -13.74 -7.11
CA LEU B 253 0.59 -14.23 -8.31
C LEU B 253 -0.23 -15.47 -7.96
N VAL B 254 -1.54 -15.43 -8.17
CA VAL B 254 -2.43 -16.58 -7.96
C VAL B 254 -2.79 -17.26 -9.30
N CYS B 255 -2.32 -18.51 -9.47
CA CYS B 255 -2.36 -19.19 -10.78
C CYS B 255 -3.24 -20.42 -10.77
N SER B 256 -4.12 -20.51 -11.76
CA SER B 256 -5.12 -21.55 -11.81
C SER B 256 -4.90 -22.45 -13.01
N LYS B 257 -4.82 -23.76 -12.75
CA LYS B 257 -4.63 -24.76 -13.80
C LYS B 257 -5.91 -24.91 -14.63
N LYS B 258 -7.06 -25.00 -13.96
CA LYS B 258 -8.36 -25.15 -14.62
C LYS B 258 -8.82 -23.83 -15.23
N ALA B 259 -9.24 -23.87 -16.49
CA ALA B 259 -9.60 -22.65 -17.23
C ALA B 259 -10.92 -22.04 -16.79
N GLY B 260 -11.08 -20.74 -17.03
CA GLY B 260 -12.30 -20.01 -16.69
C GLY B 260 -12.48 -19.69 -15.22
N VAL B 261 -11.50 -20.09 -14.39
CA VAL B 261 -11.54 -19.85 -12.95
C VAL B 261 -11.24 -18.38 -12.65
N ASP B 262 -12.25 -17.68 -12.11
CA ASP B 262 -12.08 -16.29 -11.66
C ASP B 262 -11.71 -16.29 -10.17
N VAL B 263 -10.41 -16.39 -9.89
CA VAL B 263 -9.91 -16.46 -8.51
C VAL B 263 -10.09 -15.15 -7.73
N THR B 264 -10.49 -14.08 -8.43
CA THR B 264 -10.68 -12.78 -7.78
C THR B 264 -11.91 -12.71 -6.86
N LYS B 265 -12.81 -13.68 -6.98
CA LYS B 265 -13.93 -13.84 -6.01
C LYS B 265 -13.71 -15.15 -5.23
N PRO B 266 -13.74 -15.09 -3.88
CA PRO B 266 -13.41 -16.29 -3.11
C PRO B 266 -14.34 -17.45 -3.41
N LEU B 267 -13.79 -18.64 -3.60
CA LEU B 267 -14.60 -19.84 -3.86
C LEU B 267 -15.17 -20.38 -2.57
N ARG B 268 -14.34 -20.38 -1.53
CA ARG B 268 -14.74 -20.73 -0.18
C ARG B 268 -14.48 -19.53 0.73
N PRO B 269 -15.50 -18.68 0.94
CA PRO B 269 -15.34 -17.52 1.81
C PRO B 269 -14.82 -17.89 3.19
N VAL B 270 -13.80 -17.19 3.65
CA VAL B 270 -13.23 -17.42 4.98
C VAL B 270 -14.23 -17.13 6.12
N GLU B 271 -15.25 -16.32 5.86
CA GLU B 271 -16.26 -15.95 6.88
C GLU B 271 -17.05 -17.14 7.39
N ASP B 272 -17.17 -18.19 6.56
CA ASP B 272 -17.85 -19.42 6.93
C ASP B 272 -17.01 -20.31 7.84
N MSE B 273 -15.68 -20.16 7.76
CA MSE B 273 -14.77 -20.97 8.59
CA MSE B 273 -14.79 -20.96 8.60
CA MSE B 273 -14.75 -20.95 8.58
C MSE B 273 -14.65 -20.32 9.98
O MSE B 273 -14.75 -19.10 10.11
CB MSE B 273 -13.38 -21.08 7.93
CB MSE B 273 -13.42 -21.18 7.93
CB MSE B 273 -13.37 -21.00 7.92
CG MSE B 273 -13.34 -21.04 6.40
CG MSE B 273 -13.39 -22.32 6.92
CG MSE B 273 -13.30 -21.94 6.72
SE MSE B 273 -14.67 -22.09 5.43
SE MSE B 273 -13.69 -24.11 7.68
SE MSE B 273 -11.83 -21.52 5.50
CE MSE B 273 -13.98 -23.88 5.79
CE MSE B 273 -15.63 -24.23 7.51
CE MSE B 273 -12.85 -21.02 3.92
N PRO B 274 -14.42 -21.14 11.02
CA PRO B 274 -14.47 -20.57 12.37
C PRO B 274 -13.33 -19.63 12.76
N PHE B 275 -12.17 -19.78 12.14
CA PHE B 275 -11.00 -18.97 12.46
C PHE B 275 -11.03 -17.57 11.82
N ALA B 276 -12.05 -17.27 11.02
CA ALA B 276 -12.11 -16.00 10.29
C ALA B 276 -11.86 -14.78 11.17
N LYS B 277 -12.45 -14.73 12.36
CA LYS B 277 -12.30 -13.55 13.24
C LYS B 277 -10.94 -13.49 13.94
N ASP B 278 -10.17 -14.57 13.82
CA ASP B 278 -8.79 -14.61 14.35
C ASP B 278 -7.77 -13.98 13.38
N LEU B 279 -8.15 -13.78 12.13
CA LEU B 279 -7.28 -13.15 11.16
C LEU B 279 -7.17 -11.65 11.46
N LYS B 280 -6.02 -11.07 11.16
CA LYS B 280 -5.80 -9.65 11.43
C LYS B 280 -5.85 -8.77 10.17
N TYR B 281 -5.74 -9.40 9.00
CA TYR B 281 -5.67 -8.66 7.73
C TYR B 281 -6.71 -9.17 6.74
N TYR B 282 -6.59 -10.44 6.39
CA TYR B 282 -7.37 -11.02 5.30
C TYR B 282 -8.84 -11.26 5.67
N ASP B 283 -9.71 -10.95 4.70
CA ASP B 283 -11.11 -11.37 4.70
C ASP B 283 -11.60 -11.29 3.23
N SER B 284 -12.81 -11.78 2.95
CA SER B 284 -13.28 -11.82 1.57
C SER B 284 -13.34 -10.43 0.89
N GLU B 285 -13.54 -9.39 1.69
CA GLU B 285 -13.52 -8.00 1.18
C GLU B 285 -12.14 -7.61 0.69
N MSE B 286 -11.13 -7.85 1.52
CA MSE B 286 -9.74 -7.62 1.15
C MSE B 286 -9.29 -8.51 -0.01
O MSE B 286 -8.49 -8.07 -0.86
CB MSE B 286 -8.83 -7.85 2.37
CG MSE B 286 -8.80 -6.69 3.36
SE MSE B 286 -8.02 -5.02 2.67
CE MSE B 286 -6.83 -5.75 1.29
N HIS B 287 -9.78 -9.74 -0.04
CA HIS B 287 -9.52 -10.67 -1.15
C HIS B 287 -9.87 -10.02 -2.49
N LYS B 288 -11.12 -9.55 -2.61
CA LYS B 288 -11.60 -8.95 -3.85
C LYS B 288 -10.90 -7.64 -4.17
N ALA B 289 -10.63 -6.83 -3.15
CA ALA B 289 -9.91 -5.55 -3.35
C ALA B 289 -8.47 -5.79 -3.81
N SER B 290 -7.86 -6.87 -3.36
CA SER B 290 -6.45 -7.14 -3.66
C SER B 290 -6.16 -7.24 -5.15
N PHE B 291 -7.11 -7.77 -5.93
CA PHE B 291 -6.92 -7.95 -7.37
C PHE B 291 -7.23 -6.71 -8.20
N ALA B 292 -7.69 -5.64 -7.56
CA ALA B 292 -7.88 -4.34 -8.23
C ALA B 292 -6.55 -3.58 -8.26
N LEU B 293 -5.98 -3.38 -9.44
CA LEU B 293 -4.66 -2.77 -9.56
C LEU B 293 -4.75 -1.34 -10.07
N PRO B 294 -3.80 -0.48 -9.66
CA PRO B 294 -3.71 0.84 -10.26
C PRO B 294 -3.65 0.73 -11.78
N ARG B 295 -4.09 1.76 -12.48
CA ARG B 295 -4.21 1.70 -13.93
C ARG B 295 -2.88 1.47 -14.62
N PHE B 296 -1.81 2.05 -14.10
CA PHE B 296 -0.49 1.88 -14.70
C PHE B 296 -0.02 0.42 -14.66
N ALA B 297 -0.61 -0.38 -13.76
CA ALA B 297 -0.26 -1.81 -13.62
C ALA B 297 -1.40 -2.78 -13.92
N ARG B 298 -2.52 -2.27 -14.43
CA ARG B 298 -3.73 -3.10 -14.63
C ARG B 298 -3.54 -4.12 -15.76
N HIS B 299 -2.57 -3.88 -16.63
CA HIS B 299 -2.24 -4.79 -17.73
C HIS B 299 -1.68 -6.15 -17.29
N ILE B 300 -1.32 -6.28 -16.02
CA ILE B 300 -0.91 -7.56 -15.44
C ILE B 300 -2.08 -8.55 -15.35
N ASN B 301 -3.24 -8.07 -14.95
CA ASN B 301 -4.43 -8.90 -14.70
C ASN B 301 -5.41 -8.99 -15.88
N ASN B 302 -5.37 -8.00 -16.78
CA ASN B 302 -6.24 -8.03 -17.97
C ASN B 302 -5.86 -9.13 -18.96
#